data_2A1R
#
_entry.id   2A1R
#
_cell.length_a   72.778
_cell.length_b   92.401
_cell.length_c   159.642
_cell.angle_alpha   90.00
_cell.angle_beta   90.00
_cell.angle_gamma   90.00
#
_symmetry.space_group_name_H-M   'P 21 21 21'
#
loop_
_entity.id
_entity.type
_entity.pdbx_description
1 polymer "5'-R(*AP*AP*A)-3'"
2 polymer 'Poly(A)-specific ribonuclease PARN'
3 water water
#
loop_
_entity_poly.entity_id
_entity_poly.type
_entity_poly.pdbx_seq_one_letter_code
_entity_poly.pdbx_strand_id
1 'polyribonucleotide' AAA C,D
2 'polypeptide(L)'
;MEIIRSNFKSNLHKVYQAIEEADFFAIDGEFSGISDGPSVSALTNGFDTPEERYQKLKKHSMDFLLFQFGLCTFKYDYTD
SKYITKSFNFYVFPKPFNRSSPDVKFVCQSSSIDFLASQGFDFNKVFRNGIPYLNQEEERQLREQYDEKRSQANGAGALS
YVSPNTSKCPVTIPEDQKKFIDQVVEKIEDLLQSEENKNLDLEPCTGFQRKLIYQTLSWKYPKGIHVETLETEKKERYIV
ISKVDEEERKRREQQKHAKEQEELNDAVGFSRVIHAIANSGKLVIGHNMLLDVMHTVHQFYCPLPADLSEFKEMTTCVFP
RLLDTKLMASTQPFKDIINNTSLAELEKRLKETPFNPPKVESAEGFPSYDTASEQLHEAGYDAYITGLCFISMANYLGSF
LSPPKIHVSARSKLIEPFFNKLFLMRVMDI
;
A,B
#
# COMPACT_ATOMS: atom_id res chain seq x y z
N MET C 1 -1.74 10.79 20.55
CA MET C 1 -1.11 11.67 19.52
C MET C 1 -0.85 10.96 18.20
N GLU C 2 -1.24 11.60 17.09
CA GLU C 2 -0.94 11.10 15.76
C GLU C 2 0.45 11.58 15.39
N ILE C 3 1.41 10.67 15.31
CA ILE C 3 2.78 11.03 15.03
C ILE C 3 3.28 10.52 13.68
N ILE C 4 3.49 11.48 12.79
CA ILE C 4 3.96 11.27 11.43
C ILE C 4 5.37 11.87 11.28
N ARG C 5 5.86 11.96 10.05
CA ARG C 5 7.24 12.35 9.75
C ARG C 5 7.59 13.80 10.09
N SER C 6 6.74 14.73 9.65
CA SER C 6 6.92 16.17 9.90
C SER C 6 6.87 16.47 11.39
N ASN C 7 6.25 15.56 12.10
CA ASN C 7 5.85 15.65 13.48
C ASN C 7 6.83 15.00 14.47
N PHE C 8 7.53 13.97 14.00
CA PHE C 8 8.26 13.01 14.83
C PHE C 8 9.31 13.61 15.72
N LYS C 9 10.13 14.48 15.13
CA LYS C 9 11.28 15.08 15.80
C LYS C 9 10.87 15.87 17.05
N SER C 10 9.84 16.72 16.94
CA SER C 10 9.43 17.55 18.08
C SER C 10 8.67 16.76 19.16
N ASN C 11 7.90 15.75 18.76
CA ASN C 11 7.19 14.92 19.73
C ASN C 11 8.05 13.82 20.40
N LEU C 12 9.28 13.66 19.96
CA LEU C 12 10.10 12.53 20.44
C LEU C 12 10.44 12.60 21.92
N HIS C 13 10.67 13.81 22.44
CA HIS C 13 11.01 13.99 23.86
C HIS C 13 9.82 13.68 24.77
N LYS C 14 8.59 13.88 24.27
CA LYS C 14 7.38 13.55 25.04
C LYS C 14 7.27 12.05 25.18
N VAL C 15 7.68 11.34 24.13
CA VAL C 15 7.61 9.89 24.09
C VAL C 15 8.62 9.30 25.04
N TYR C 16 9.87 9.79 24.99
CA TYR C 16 10.93 9.35 25.91
C TYR C 16 10.51 9.56 27.35
N GLN C 17 9.90 10.69 27.63
CA GLN C 17 9.49 11.00 28.97
C GLN C 17 8.38 10.07 29.42
N ALA C 18 7.44 9.78 28.52
CA ALA C 18 6.33 8.89 28.81
C ALA C 18 6.87 7.50 29.16
N ILE C 19 7.84 7.06 28.37
CA ILE C 19 8.48 5.78 28.55
C ILE C 19 9.14 5.73 29.91
N GLU C 20 9.80 6.82 30.29
CA GLU C 20 10.57 6.88 31.52
C GLU C 20 9.72 6.88 32.80
N GLU C 21 8.63 7.65 32.83
CA GLU C 21 7.73 7.71 33.99
C GLU C 21 6.86 6.48 34.16
N ALA C 22 6.77 5.64 33.13
CA ALA C 22 5.78 4.56 33.09
C ALA C 22 6.10 3.38 34.01
N ASP C 23 5.06 2.75 34.54
CA ASP C 23 5.18 1.46 35.22
C ASP C 23 5.33 0.35 34.22
N PHE C 24 4.56 0.45 33.14
CA PHE C 24 4.62 -0.51 32.03
C PHE C 24 3.98 0.15 30.81
N PHE C 25 4.24 -0.38 29.61
CA PHE C 25 3.50 0.04 28.43
C PHE C 25 2.83 -1.12 27.72
N ALA C 26 1.83 -0.80 26.90
CA ALA C 26 1.17 -1.75 26.04
C ALA C 26 1.45 -1.32 24.62
N ILE C 27 1.53 -2.26 23.70
CA ILE C 27 1.77 -1.96 22.29
C ILE C 27 0.80 -2.72 21.41
N ASP C 28 0.66 -2.27 20.18
CA ASP C 28 -0.18 -2.93 19.17
C ASP C 28 0.20 -2.36 17.81
N GLY C 29 -0.01 -3.10 16.73
CA GLY C 29 0.32 -2.60 15.43
C GLY C 29 -0.66 -2.98 14.34
N GLU C 30 -0.80 -2.12 13.33
CA GLU C 30 -1.53 -2.49 12.14
C GLU C 30 -0.56 -2.96 11.07
N PHE C 31 -0.94 -3.96 10.28
CA PHE C 31 -0.11 -4.50 9.24
C PHE C 31 -0.79 -4.33 7.88
N SER C 32 0.01 -4.35 6.82
CA SER C 32 -0.52 -4.30 5.47
C SER C 32 -1.23 -5.62 5.12
N GLY C 33 -1.03 -6.64 5.96
CA GLY C 33 -1.72 -7.92 5.86
C GLY C 33 -1.18 -8.98 6.83
N ILE C 34 -1.73 -10.20 6.78
CA ILE C 34 -1.36 -11.26 7.73
C ILE C 34 -0.71 -12.52 7.12
N SER C 35 -1.28 -13.05 6.06
CA SER C 35 -0.76 -14.27 5.43
C SER C 35 -0.87 -14.17 3.93
N ASP C 36 0.15 -14.63 3.22
CA ASP C 36 0.14 -14.60 1.76
C ASP C 36 -0.53 -15.82 1.11
N GLY C 37 -0.91 -16.82 1.90
CA GLY C 37 -1.57 -17.99 1.34
C GLY C 37 -2.48 -18.68 2.32
N PRO C 38 -1.93 -19.57 3.14
CA PRO C 38 -2.74 -20.38 4.06
C PRO C 38 -3.38 -19.54 5.17
N SER C 39 -4.47 -20.06 5.72
CA SER C 39 -5.19 -19.39 6.81
C SER C 39 -4.35 -19.23 8.10
N VAL C 40 -3.17 -19.87 8.13
CA VAL C 40 -2.17 -19.72 9.20
C VAL C 40 -2.27 -18.36 9.93
N GLY C 46 -1.94 -27.34 13.11
CA GLY C 46 -1.03 -27.97 12.16
C GLY C 46 -0.02 -28.86 12.86
N PHE C 47 0.46 -29.89 12.15
CA PHE C 47 1.41 -30.87 12.71
C PHE C 47 2.83 -30.36 12.61
N ASP C 48 3.11 -29.33 13.41
CA ASP C 48 4.36 -28.58 13.32
C ASP C 48 4.91 -28.30 14.71
N THR C 49 6.21 -28.52 14.89
CA THR C 49 6.88 -28.13 16.12
C THR C 49 6.85 -26.63 16.25
N PRO C 50 7.10 -26.09 17.43
CA PRO C 50 7.25 -24.63 17.55
C PRO C 50 8.24 -24.02 16.55
N GLU C 51 9.30 -24.74 16.17
CA GLU C 51 10.27 -24.19 15.22
C GLU C 51 9.82 -24.21 13.77
N GLU C 52 8.99 -25.17 13.40
CA GLU C 52 8.47 -25.22 12.04
C GLU C 52 7.39 -24.15 11.84
N ARG C 53 6.67 -23.81 12.91
CA ARG C 53 5.64 -22.77 12.87
C ARG C 53 6.28 -21.40 12.71
N TYR C 54 7.35 -21.18 13.46
CA TYR C 54 8.13 -19.99 13.34
C TYR C 54 8.66 -19.80 11.90
N GLN C 55 9.07 -20.88 11.26
CA GLN C 55 9.56 -20.79 9.88
C GLN C 55 8.45 -20.60 8.86
N LYS C 56 7.24 -21.07 9.18
CA LYS C 56 6.06 -20.88 8.33
C LYS C 56 5.51 -19.46 8.47
N LEU C 57 5.67 -18.90 9.65
CA LEU C 57 5.28 -17.53 9.97
C LEU C 57 6.26 -16.54 9.37
N LYS C 58 7.54 -16.88 9.38
CA LYS C 58 8.59 -16.03 8.84
C LYS C 58 8.52 -15.97 7.31
N LYS C 59 7.97 -16.98 6.68
CA LYS C 59 7.87 -17.02 5.22
C LYS C 59 6.60 -16.32 4.71
N HIS C 60 5.46 -16.64 5.32
CA HIS C 60 4.15 -16.23 4.83
C HIS C 60 3.59 -14.97 5.50
N SER C 61 4.24 -14.48 6.55
CA SER C 61 3.77 -13.30 7.26
C SER C 61 4.77 -12.17 7.37
N MET C 62 6.07 -12.44 7.30
CA MET C 62 7.05 -11.37 7.52
C MET C 62 7.40 -10.51 6.31
N ASP C 63 6.72 -10.70 5.19
CA ASP C 63 6.84 -9.79 4.05
C ASP C 63 5.84 -8.64 4.14
N PHE C 64 4.78 -8.84 4.92
CA PHE C 64 3.84 -7.78 5.17
C PHE C 64 4.51 -6.75 6.04
N LEU C 65 4.00 -5.53 5.98
CA LEU C 65 4.56 -4.41 6.72
C LEU C 65 3.70 -4.03 7.93
N LEU C 66 4.38 -3.70 9.01
CA LEU C 66 3.78 -3.07 10.17
C LEU C 66 3.98 -1.59 9.95
N PHE C 67 2.90 -0.87 9.65
CA PHE C 67 3.03 0.56 9.33
C PHE C 67 2.28 1.50 10.28
N GLN C 68 1.77 0.98 11.40
CA GLN C 68 1.20 1.79 12.48
C GLN C 68 1.52 1.09 13.79
N PHE C 69 2.30 1.77 14.60
CA PHE C 69 2.72 1.26 15.89
C PHE C 69 1.99 2.09 16.93
N GLY C 70 1.13 1.44 17.68
CA GLY C 70 0.44 2.07 18.80
C GLY C 70 1.16 1.81 20.10
N LEU C 71 1.35 2.85 20.91
CA LEU C 71 2.03 2.76 22.19
C LEU C 71 1.20 3.44 23.26
N CYS C 72 0.85 2.70 24.30
CA CYS C 72 0.17 3.29 25.45
C CYS C 72 0.94 3.07 26.75
N THR C 73 1.15 4.17 27.45
CA THR C 73 2.02 4.29 28.60
C THR C 73 1.15 4.44 29.84
N PHE C 74 1.40 3.63 30.87
CA PHE C 74 0.59 3.65 32.11
C PHE C 74 1.44 3.96 33.33
N LYS C 75 1.04 4.98 34.09
CA LYS C 75 1.72 5.36 35.34
C LYS C 75 0.77 5.44 36.55
N TYR C 76 1.01 4.64 37.59
CA TYR C 76 0.15 4.64 38.76
C TYR C 76 0.44 5.83 39.68
N ASP C 77 -0.61 6.58 39.99
CA ASP C 77 -0.59 7.67 40.94
C ASP C 77 -1.11 7.14 42.28
N TYR C 78 -0.23 7.07 43.28
CA TYR C 78 -0.59 6.45 44.57
C TYR C 78 -1.51 7.31 45.45
N THR C 79 -1.34 8.62 45.41
CA THR C 79 -2.16 9.54 46.20
C THR C 79 -3.40 9.97 45.41
N ASP C 80 -4.07 8.98 44.79
CA ASP C 80 -5.25 9.17 43.95
C ASP C 80 -5.82 7.82 43.50
N SER C 81 -5.03 6.76 43.65
CA SER C 81 -5.41 5.38 43.33
C SER C 81 -5.87 5.23 41.89
N LYS C 82 -5.09 5.76 40.95
CA LYS C 82 -5.45 5.69 39.55
C LYS C 82 -4.26 5.63 38.61
N TYR C 83 -4.45 5.00 37.46
CA TYR C 83 -3.43 4.99 36.42
C TYR C 83 -3.63 6.21 35.53
N ILE C 84 -2.51 6.77 35.08
CA ILE C 84 -2.50 7.90 34.15
C ILE C 84 -1.92 7.40 32.82
N THR C 85 -2.64 7.63 31.71
CA THR C 85 -2.24 7.10 30.42
C THR C 85 -1.86 8.16 29.40
N LYS C 86 -0.81 7.87 28.62
CA LYS C 86 -0.47 8.63 27.42
C LYS C 86 -0.33 7.65 26.26
N SER C 87 -1.13 7.80 25.21
CA SER C 87 -1.02 6.90 24.06
C SER C 87 -0.59 7.62 22.78
N PHE C 88 0.17 6.90 21.95
CA PHE C 88 0.70 7.40 20.69
C PHE C 88 0.37 6.47 19.51
N ASN C 89 0.17 7.05 18.33
CA ASN C 89 0.09 6.28 17.10
C ASN C 89 1.23 6.76 16.24
N PHE C 90 2.20 5.90 15.96
CA PHE C 90 3.29 6.25 15.08
C PHE C 90 3.08 5.58 13.75
N TYR C 91 3.06 6.39 12.69
CA TYR C 91 2.97 5.88 11.34
C TYR C 91 4.39 5.74 10.81
N VAL C 92 4.75 4.54 10.33
CA VAL C 92 6.07 4.26 9.80
C VAL C 92 6.08 3.71 8.38
N PHE C 93 7.10 4.08 7.63
CA PHE C 93 7.28 3.61 6.26
C PHE C 93 8.77 3.55 5.93
N PRO C 94 9.26 2.48 5.32
CA PRO C 94 10.68 2.39 4.96
C PRO C 94 11.02 3.22 3.72
N LYS C 95 11.04 4.53 3.92
CA LYS C 95 11.39 5.45 2.86
C LYS C 95 12.89 5.32 2.71
N PRO C 96 13.37 4.95 1.53
CA PRO C 96 14.82 4.81 1.32
C PRO C 96 15.52 6.19 1.39
N PHE C 97 16.67 6.23 2.05
CA PHE C 97 17.37 7.48 2.31
C PHE C 97 18.05 8.02 1.04
N ASN C 98 18.91 7.20 0.44
CA ASN C 98 19.53 7.52 -0.86
C ASN C 98 19.16 6.42 -1.85
N ARG C 99 19.72 6.53 -3.05
CA ARG C 99 19.63 5.44 -4.03
C ARG C 99 20.57 4.27 -3.63
N SER C 100 21.39 4.49 -2.59
CA SER C 100 22.24 3.46 -1.98
C SER C 100 21.47 2.59 -0.96
N SER C 101 20.51 3.18 -0.26
CA SER C 101 19.74 2.47 0.76
C SER C 101 18.98 1.29 0.14
N PRO C 102 18.60 0.31 0.96
CA PRO C 102 17.83 -0.85 0.45
C PRO C 102 16.37 -0.46 0.11
N ASP C 103 15.84 -1.06 -0.95
CA ASP C 103 14.50 -0.78 -1.47
C ASP C 103 13.53 -1.92 -1.15
N VAL C 104 12.76 -1.72 -0.07
CA VAL C 104 11.90 -2.75 0.48
C VAL C 104 10.70 -3.08 -0.40
N LYS C 105 10.54 -4.36 -0.71
CA LYS C 105 9.33 -4.85 -1.35
C LYS C 105 8.50 -5.43 -0.25
N PHE C 106 7.32 -4.90 0.00
CA PHE C 106 6.41 -5.50 0.96
C PHE C 106 5.15 -5.96 0.25
N VAL C 107 4.39 -6.82 0.94
CA VAL C 107 3.17 -7.43 0.43
C VAL C 107 2.00 -6.78 1.17
N CYS C 108 0.95 -6.51 0.45
CA CYS C 108 -0.24 -5.86 0.97
C CYS C 108 -1.35 -6.90 0.75
N GLN C 109 -2.32 -6.99 1.65
CA GLN C 109 -3.42 -7.97 1.55
C GLN C 109 -4.76 -7.27 1.45
N SER C 110 -5.48 -7.50 0.34
CA SER C 110 -6.71 -6.78 0.01
C SER C 110 -7.75 -6.73 1.10
N SER C 111 -7.91 -7.82 1.82
CA SER C 111 -8.97 -7.93 2.80
C SER C 111 -8.58 -7.11 4.01
N SER C 112 -7.28 -7.01 4.26
CA SER C 112 -6.74 -6.26 5.39
C SER C 112 -6.79 -4.76 5.12
N ILE C 113 -6.41 -4.36 3.92
CA ILE C 113 -6.56 -2.99 3.51
C ILE C 113 -8.03 -2.57 3.62
N ASP C 114 -8.90 -3.46 3.19
CA ASP C 114 -10.33 -3.23 3.25
C ASP C 114 -10.83 -3.07 4.68
N PHE C 115 -10.23 -3.83 5.59
CA PHE C 115 -10.61 -3.78 6.98
C PHE C 115 -10.12 -2.47 7.60
N LEU C 116 -8.87 -2.12 7.33
CA LEU C 116 -8.33 -0.89 7.85
C LEU C 116 -9.09 0.33 7.31
N ALA C 117 -9.50 0.30 6.06
CA ALA C 117 -10.27 1.41 5.48
C ALA C 117 -11.61 1.60 6.17
N SER C 118 -12.23 0.49 6.57
CA SER C 118 -13.57 0.56 7.17
C SER C 118 -13.49 1.10 8.57
N GLN C 119 -12.29 1.07 9.17
CA GLN C 119 -12.04 1.67 10.48
C GLN C 119 -11.56 3.12 10.37
N GLY C 120 -11.68 3.72 9.20
CA GLY C 120 -11.28 5.11 8.99
C GLY C 120 -9.78 5.36 8.95
N PHE C 121 -9.00 4.37 8.56
CA PHE C 121 -7.54 4.49 8.45
C PHE C 121 -7.21 5.49 7.33
N ASP C 122 -6.15 6.28 7.55
CA ASP C 122 -5.66 7.21 6.57
C ASP C 122 -4.37 6.67 5.97
N PHE C 123 -4.48 6.08 4.79
CA PHE C 123 -3.31 5.51 4.15
C PHE C 123 -2.26 6.58 3.78
N ASN C 124 -2.66 7.84 3.64
CA ASN C 124 -1.69 8.92 3.39
C ASN C 124 -0.71 9.16 4.55
N LYS C 125 -1.13 8.90 5.77
CA LYS C 125 -0.24 9.03 6.94
C LYS C 125 0.90 8.02 6.90
N VAL C 126 0.67 6.92 6.21
CA VAL C 126 1.70 5.91 5.97
C VAL C 126 2.44 6.19 4.67
N PHE C 127 1.74 6.20 3.56
CA PHE C 127 2.39 6.25 2.23
C PHE C 127 2.95 7.62 1.82
N ARG C 128 2.47 8.70 2.43
CA ARG C 128 3.04 10.04 2.22
C ARG C 128 3.82 10.55 3.43
N ASN C 129 3.29 10.38 4.64
CA ASN C 129 3.89 10.99 5.82
C ASN C 129 4.58 10.01 6.77
N GLY C 130 4.83 8.80 6.30
CA GLY C 130 5.42 7.78 7.15
C GLY C 130 6.77 8.14 7.71
N ILE C 131 7.00 7.81 8.99
CA ILE C 131 8.28 7.99 9.65
C ILE C 131 9.24 6.93 9.17
N PRO C 132 10.41 7.32 8.68
CA PRO C 132 11.39 6.33 8.21
C PRO C 132 12.09 5.65 9.39
N TYR C 133 12.85 4.59 9.09
CA TYR C 133 13.59 3.81 10.09
C TYR C 133 14.70 2.95 9.49
N LEU C 134 15.69 2.65 10.34
CA LEU C 134 16.77 1.74 9.98
C LEU C 134 16.97 0.68 11.07
N ASN C 135 17.24 -0.55 10.66
CA ASN C 135 17.62 -1.61 11.60
C ASN C 135 19.08 -1.45 11.97
N GLN C 136 19.51 -2.26 12.92
CA GLN C 136 20.88 -2.24 13.51
C GLN C 136 22.03 -2.17 12.49
N GLU C 137 22.02 -3.09 11.53
CA GLU C 137 23.04 -3.16 10.48
C GLU C 137 22.93 -1.96 9.55
N GLU C 138 21.72 -1.67 9.10
CA GLU C 138 21.46 -0.57 8.15
C GLU C 138 22.00 0.75 8.68
N GLU C 139 21.90 0.96 9.99
CA GLU C 139 22.36 2.21 10.62
C GLU C 139 23.89 2.27 10.59
N ARG C 140 24.53 1.22 11.12
CA ARG C 140 25.99 1.11 11.14
C ARG C 140 26.60 1.19 9.72
N GLN C 141 25.89 0.64 8.75
CA GLN C 141 26.36 0.58 7.37
C GLN C 141 26.34 1.94 6.71
N LEU C 142 25.33 2.76 7.02
CA LEU C 142 25.25 4.12 6.47
C LEU C 142 26.18 5.08 7.23
N ARG C 143 27.37 4.60 7.62
CA ARG C 143 28.33 5.39 8.40
C ARG C 143 29.77 4.95 8.11
N HIS C 257 26.92 20.89 6.41
CA HIS C 257 27.48 19.91 7.33
C HIS C 257 26.65 19.76 8.61
N ALA C 258 26.05 20.86 9.07
CA ALA C 258 25.15 20.85 10.23
C ALA C 258 23.90 20.04 9.93
N LYS C 259 23.26 20.37 8.80
CA LYS C 259 22.06 19.66 8.34
C LYS C 259 22.40 18.28 7.78
N GLU C 260 23.64 18.09 7.36
CA GLU C 260 24.11 16.79 6.83
C GLU C 260 24.13 15.70 7.92
N GLN C 261 24.52 16.09 9.13
CA GLN C 261 24.52 15.18 10.28
C GLN C 261 23.14 15.05 10.92
N GLU C 262 22.24 15.96 10.55
CA GLU C 262 20.84 15.97 11.00
C GLU C 262 20.02 14.93 10.24
N GLU C 263 20.10 14.96 8.91
CA GLU C 263 19.41 14.00 8.04
C GLU C 263 19.86 12.57 8.35
N LEU C 264 21.11 12.43 8.79
CA LEU C 264 21.71 11.15 9.12
C LEU C 264 21.13 10.56 10.41
N ASN C 265 21.00 11.41 11.44
CA ASN C 265 20.50 10.96 12.74
C ASN C 265 18.97 10.93 12.75
N ASP C 266 18.35 11.53 11.73
CA ASP C 266 16.90 11.53 11.54
C ASP C 266 16.45 10.30 10.73
N ALA C 267 17.42 9.63 10.09
CA ALA C 267 17.18 8.50 9.22
C ALA C 267 16.95 7.21 10.02
N VAL C 268 17.56 7.10 11.19
CA VAL C 268 17.27 5.99 12.09
C VAL C 268 15.80 6.08 12.54
N GLY C 269 15.28 7.30 12.63
CA GLY C 269 13.86 7.52 12.77
C GLY C 269 13.20 6.69 13.84
N PHE C 270 12.11 5.99 13.51
CA PHE C 270 11.29 5.33 14.51
C PHE C 270 12.03 4.30 15.36
N SER C 271 13.09 3.71 14.85
CA SER C 271 13.95 2.80 15.65
C SER C 271 14.45 3.43 16.95
N ARG C 272 14.65 4.73 16.96
CA ARG C 272 14.96 5.47 18.18
C ARG C 272 13.94 5.17 19.27
N VAL C 273 12.66 5.11 18.90
CA VAL C 273 11.60 4.79 19.86
C VAL C 273 11.75 3.34 20.35
N ILE C 274 12.07 2.42 19.44
CA ILE C 274 12.25 1.03 19.85
C ILE C 274 13.46 0.90 20.78
N HIS C 275 14.50 1.68 20.55
CA HIS C 275 15.68 1.65 21.40
C HIS C 275 15.31 2.01 22.85
N ALA C 276 14.53 3.08 23.00
CA ALA C 276 14.15 3.55 24.33
C ALA C 276 13.34 2.56 25.13
N ILE C 277 12.44 1.84 24.46
CA ILE C 277 11.62 0.81 25.11
C ILE C 277 12.53 -0.32 25.61
N ALA C 278 13.35 -0.83 24.72
CA ALA C 278 14.27 -1.92 25.02
C ALA C 278 15.16 -1.59 26.22
N ASN C 279 15.70 -0.37 26.24
CA ASN C 279 16.58 0.08 27.29
C ASN C 279 15.85 0.45 28.58
N SER C 280 14.55 0.69 28.52
CA SER C 280 13.80 0.98 29.74
C SER C 280 13.77 -0.22 30.66
N GLY C 281 13.81 -1.42 30.05
CA GLY C 281 13.70 -2.67 30.78
C GLY C 281 12.27 -3.00 31.18
N LYS C 282 11.49 -1.97 31.50
CA LYS C 282 10.09 -2.07 31.92
C LYS C 282 9.27 -3.06 31.13
N LEU C 283 8.17 -3.47 31.75
CA LEU C 283 7.29 -4.48 31.16
C LEU C 283 6.53 -3.98 29.92
N VAL C 284 6.48 -4.80 28.88
CA VAL C 284 5.78 -4.44 27.64
C VAL C 284 4.63 -5.40 27.43
N ILE C 285 3.40 -4.89 27.37
CA ILE C 285 2.19 -5.72 27.27
C ILE C 285 1.67 -5.69 25.84
N GLY C 286 1.24 -6.85 25.34
CA GLY C 286 0.54 -6.93 24.07
C GLY C 286 -0.60 -7.91 24.19
N HIS C 287 -1.43 -8.05 23.17
CA HIS C 287 -2.48 -9.05 23.15
C HIS C 287 -2.34 -9.88 21.90
N ASN C 288 -2.16 -11.18 22.05
CA ASN C 288 -1.90 -12.07 20.90
C ASN C 288 -0.82 -11.44 20.03
N MET C 289 0.35 -11.23 20.65
CA MET C 289 1.39 -10.33 20.15
C MET C 289 2.56 -10.93 19.37
N LEU C 290 2.45 -12.18 18.96
CA LEU C 290 3.58 -12.86 18.31
C LEU C 290 3.98 -12.07 17.07
N LEU C 291 3.03 -11.86 16.16
CA LEU C 291 3.31 -11.13 14.91
C LEU C 291 3.75 -9.68 15.18
N ASP C 292 3.11 -9.03 16.13
CA ASP C 292 3.51 -7.70 16.57
C ASP C 292 5.01 -7.71 16.90
N VAL C 293 5.42 -8.66 17.72
CA VAL C 293 6.82 -8.75 18.13
C VAL C 293 7.75 -9.18 16.99
N MET C 294 7.32 -10.08 16.10
CA MET C 294 8.17 -10.51 15.01
C MET C 294 8.37 -9.36 14.03
N HIS C 295 7.30 -8.62 13.70
CA HIS C 295 7.42 -7.48 12.83
C HIS C 295 8.34 -6.45 13.40
N THR C 296 8.25 -6.22 14.70
CA THR C 296 9.02 -5.17 15.37
C THR C 296 10.51 -5.43 15.33
N VAL C 297 10.90 -6.64 15.71
CA VAL C 297 12.31 -6.99 15.66
C VAL C 297 12.78 -7.06 14.22
N HIS C 298 11.97 -7.62 13.33
CA HIS C 298 12.34 -7.75 11.93
C HIS C 298 12.60 -6.41 11.23
N GLN C 299 11.84 -5.39 11.61
CA GLN C 299 11.85 -4.10 10.93
C GLN C 299 12.76 -3.06 11.59
N PHE C 300 12.91 -3.13 12.91
CA PHE C 300 13.58 -2.06 13.63
C PHE C 300 14.88 -2.47 14.30
N TYR C 301 15.09 -3.76 14.47
CA TYR C 301 16.27 -4.24 15.17
C TYR C 301 17.15 -5.04 14.23
N CYS C 302 16.63 -6.12 13.70
CA CYS C 302 17.43 -7.00 12.86
C CYS C 302 16.58 -8.04 12.14
N PRO C 303 16.85 -8.28 10.85
CA PRO C 303 16.04 -9.22 10.09
C PRO C 303 16.05 -10.60 10.74
N LEU C 304 14.88 -11.24 10.76
CA LEU C 304 14.67 -12.46 11.52
C LEU C 304 15.59 -13.59 11.04
N PRO C 305 16.19 -14.31 11.99
CA PRO C 305 17.09 -15.42 11.66
C PRO C 305 16.36 -16.67 11.19
N ALA C 306 17.11 -17.68 10.79
CA ALA C 306 16.53 -18.95 10.31
C ALA C 306 15.99 -19.82 11.44
N ASP C 307 16.59 -19.72 12.63
CA ASP C 307 16.21 -20.60 13.72
C ASP C 307 15.45 -19.87 14.80
N LEU C 308 14.46 -20.56 15.37
CA LEU C 308 13.66 -20.02 16.47
C LEU C 308 14.52 -19.75 17.71
N SER C 309 15.51 -20.60 17.94
CA SER C 309 16.41 -20.45 19.08
C SER C 309 16.99 -19.04 19.14
N GLU C 310 17.63 -18.62 18.06
CA GLU C 310 18.22 -17.27 18.02
C GLU C 310 17.20 -16.12 17.84
N PHE C 311 15.97 -16.43 17.41
CA PHE C 311 14.91 -15.42 17.40
C PHE C 311 14.51 -15.08 18.83
N LYS C 312 14.53 -16.10 19.67
CA LYS C 312 14.26 -15.96 21.10
C LYS C 312 15.37 -15.12 21.77
N GLU C 313 16.59 -15.22 21.26
CA GLU C 313 17.70 -14.39 21.75
C GLU C 313 17.51 -12.91 21.37
N MET C 314 17.09 -12.62 20.14
CA MET C 314 16.85 -11.25 19.71
C MET C 314 15.71 -10.58 20.47
N THR C 315 14.57 -11.27 20.56
CA THR C 315 13.43 -10.78 21.32
C THR C 315 13.88 -10.30 22.70
N THR C 316 14.77 -11.05 23.35
CA THR C 316 15.25 -10.70 24.68
C THR C 316 16.03 -9.37 24.71
N CYS C 317 16.63 -8.99 23.59
CA CYS C 317 17.29 -7.70 23.46
C CYS C 317 16.34 -6.53 23.16
N VAL C 318 15.20 -6.80 22.55
CA VAL C 318 14.21 -5.76 22.24
C VAL C 318 13.10 -5.69 23.30
N PHE C 319 12.78 -6.84 23.89
CA PHE C 319 11.70 -6.96 24.85
C PHE C 319 12.06 -7.90 26.01
N PRO C 320 12.89 -7.43 26.93
CA PRO C 320 13.32 -8.26 28.06
C PRO C 320 12.18 -8.73 28.99
N ARG C 321 11.09 -7.96 29.08
CA ARG C 321 9.91 -8.36 29.83
C ARG C 321 8.66 -8.21 28.97
N LEU C 322 8.11 -9.35 28.56
CA LEU C 322 6.95 -9.42 27.67
C LEU C 322 5.80 -10.06 28.42
N LEU C 323 4.58 -9.71 28.03
CA LEU C 323 3.39 -10.30 28.61
C LEU C 323 2.23 -10.19 27.64
N ASP C 324 1.58 -11.31 27.37
CA ASP C 324 0.52 -11.38 26.40
C ASP C 324 -0.81 -11.60 27.12
N THR C 325 -1.69 -10.61 27.05
CA THR C 325 -2.95 -10.67 27.75
C THR C 325 -3.82 -11.82 27.30
N LYS C 326 -3.70 -12.25 26.04
CA LYS C 326 -4.49 -13.35 25.55
C LYS C 326 -4.06 -14.64 26.21
N LEU C 327 -2.76 -14.78 26.36
CA LEU C 327 -2.20 -15.93 27.04
C LEU C 327 -2.50 -15.87 28.53
N MET C 328 -2.31 -14.71 29.13
CA MET C 328 -2.66 -14.55 30.53
C MET C 328 -4.13 -14.97 30.77
N ALA C 329 -5.02 -14.52 29.89
CA ALA C 329 -6.44 -14.83 30.00
C ALA C 329 -6.74 -16.31 29.71
N SER C 330 -5.78 -17.01 29.10
CA SER C 330 -5.88 -18.44 28.79
C SER C 330 -5.18 -19.34 29.82
N THR C 331 -4.77 -18.76 30.94
CA THR C 331 -4.03 -19.47 31.99
C THR C 331 -4.80 -19.39 33.31
N GLN C 332 -4.67 -20.40 34.16
CA GLN C 332 -5.26 -20.34 35.48
C GLN C 332 -4.63 -19.19 36.26
N PRO C 333 -5.37 -18.55 37.17
CA PRO C 333 -6.78 -18.83 37.47
C PRO C 333 -7.82 -18.19 36.52
N PHE C 334 -7.36 -17.54 35.46
CA PHE C 334 -8.23 -16.84 34.52
C PHE C 334 -8.97 -17.79 33.58
N LYS C 335 -8.34 -18.90 33.20
CA LYS C 335 -8.91 -19.87 32.26
C LYS C 335 -10.31 -20.37 32.67
N ASP C 336 -10.57 -20.47 33.98
CA ASP C 336 -11.83 -21.00 34.48
C ASP C 336 -12.94 -19.98 34.47
N ILE C 337 -12.60 -18.71 34.30
CA ILE C 337 -13.59 -17.65 34.30
C ILE C 337 -13.84 -17.07 32.92
N ILE C 338 -12.84 -17.08 32.06
CA ILE C 338 -12.90 -16.33 30.81
C ILE C 338 -13.26 -17.25 29.65
N ASN C 339 -14.39 -16.92 29.05
CA ASN C 339 -14.96 -17.66 27.95
C ASN C 339 -14.34 -17.33 26.58
N ASN C 340 -14.12 -16.04 26.34
CA ASN C 340 -13.56 -15.58 25.08
C ASN C 340 -12.42 -14.63 25.32
N THR C 341 -11.27 -14.93 24.72
CA THR C 341 -10.07 -14.10 24.90
C THR C 341 -9.80 -13.10 23.78
N SER C 342 -10.72 -12.91 22.85
CA SER C 342 -10.64 -11.80 21.92
C SER C 342 -10.64 -10.49 22.68
N LEU C 343 -9.81 -9.55 22.26
CA LEU C 343 -9.63 -8.28 22.95
C LEU C 343 -10.94 -7.59 23.27
N ALA C 344 -11.87 -7.61 22.33
CA ALA C 344 -13.15 -6.95 22.51
C ALA C 344 -13.93 -7.62 23.62
N GLU C 345 -14.08 -8.94 23.54
CA GLU C 345 -14.80 -9.72 24.53
C GLU C 345 -14.09 -9.77 25.90
N LEU C 346 -12.76 -9.78 25.88
CA LEU C 346 -11.96 -9.77 27.09
C LEU C 346 -12.15 -8.49 27.89
N GLU C 347 -12.17 -7.33 27.22
CA GLU C 347 -12.36 -6.05 27.89
C GLU C 347 -13.76 -5.98 28.48
N LYS C 348 -14.74 -6.50 27.73
CA LYS C 348 -16.14 -6.54 28.18
C LYS C 348 -16.26 -7.41 29.44
N ARG C 349 -15.65 -8.58 29.41
CA ARG C 349 -15.74 -9.52 30.52
C ARG C 349 -15.04 -8.99 31.77
N LEU C 350 -13.94 -8.27 31.60
CA LEU C 350 -13.13 -7.81 32.73
C LEU C 350 -13.72 -6.58 33.39
N LYS C 351 -14.94 -6.21 33.02
CA LYS C 351 -15.69 -5.12 33.66
C LYS C 351 -16.65 -5.66 34.70
N GLU C 352 -16.87 -6.97 34.71
CA GLU C 352 -17.83 -7.61 35.61
C GLU C 352 -17.16 -8.56 36.63
N THR C 353 -17.93 -8.99 37.63
CA THR C 353 -17.36 -9.76 38.73
C THR C 353 -16.86 -11.10 38.20
N PRO C 354 -15.76 -11.63 38.74
CA PRO C 354 -15.11 -11.14 39.96
C PRO C 354 -14.09 -10.04 39.74
N PHE C 355 -14.04 -9.50 38.52
CA PHE C 355 -13.09 -8.45 38.17
C PHE C 355 -13.65 -7.08 38.46
N ASN C 356 -12.76 -6.10 38.59
CA ASN C 356 -13.10 -4.69 38.82
C ASN C 356 -12.42 -3.79 37.78
N PRO C 357 -13.16 -3.02 36.98
CA PRO C 357 -12.51 -2.08 36.06
C PRO C 357 -11.64 -1.04 36.79
N PRO C 358 -10.45 -0.79 36.29
CA PRO C 358 -9.51 0.10 36.98
C PRO C 358 -9.81 1.57 36.74
N LYS C 359 -9.45 2.38 37.72
CA LYS C 359 -9.63 3.81 37.68
C LYS C 359 -8.50 4.40 36.83
N VAL C 360 -8.85 4.81 35.62
CA VAL C 360 -7.86 5.22 34.66
C VAL C 360 -8.24 6.59 34.12
N GLU C 361 -7.23 7.37 33.80
CA GLU C 361 -7.42 8.75 33.32
C GLU C 361 -6.23 9.13 32.44
N SER C 362 -6.48 9.89 31.39
CA SER C 362 -5.37 10.29 30.51
C SER C 362 -4.68 11.50 31.11
N ALA C 363 -3.40 11.66 30.77
CA ALA C 363 -2.56 12.71 31.35
C ALA C 363 -2.98 14.10 30.90
N GLU C 364 -2.55 15.12 31.63
CA GLU C 364 -2.89 16.52 31.33
C GLU C 364 -2.32 16.94 29.97
N GLY C 365 -3.20 17.43 29.11
CA GLY C 365 -2.82 17.84 27.78
C GLY C 365 -3.01 16.81 26.68
N PHE C 366 -3.04 15.53 27.06
CA PHE C 366 -3.14 14.43 26.09
C PHE C 366 -4.60 14.13 25.73
N PRO C 367 -4.83 13.55 24.56
CA PRO C 367 -6.18 13.17 24.15
C PRO C 367 -6.67 11.93 24.93
N SER C 368 -7.88 11.47 24.67
CA SER C 368 -8.41 10.31 25.37
C SER C 368 -9.57 9.66 24.65
N TYR C 369 -9.81 8.40 25.01
CA TYR C 369 -10.88 7.61 24.44
C TYR C 369 -12.00 7.46 25.47
N GLN C 375 -16.12 2.55 19.18
CA GLN C 375 -14.81 3.09 18.83
C GLN C 375 -14.16 2.32 17.67
N LEU C 376 -13.70 3.07 16.65
CA LEU C 376 -13.01 2.47 15.50
C LEU C 376 -11.65 1.87 15.90
N HIS C 377 -11.49 0.60 15.56
CA HIS C 377 -10.24 -0.13 15.77
C HIS C 377 -9.04 0.66 15.27
N GLU C 378 -7.95 0.63 16.03
CA GLU C 378 -6.75 1.36 15.66
C GLU C 378 -5.63 1.16 16.72
N ALA C 379 -4.38 1.03 16.26
CA ALA C 379 -3.27 0.61 17.12
C ALA C 379 -3.27 1.20 18.54
N GLY C 380 -3.27 2.51 18.64
CA GLY C 380 -3.21 3.19 19.92
C GLY C 380 -4.34 2.79 20.84
N TYR C 381 -5.54 2.65 20.28
CA TYR C 381 -6.72 2.31 21.06
C TYR C 381 -6.60 0.90 21.59
N ASP C 382 -6.26 -0.03 20.72
CA ASP C 382 -6.02 -1.41 21.11
C ASP C 382 -4.97 -1.58 22.17
N ALA C 383 -3.91 -0.76 22.09
CA ALA C 383 -2.81 -0.83 23.05
C ALA C 383 -3.36 -0.38 24.39
N TYR C 384 -4.21 0.63 24.35
CA TYR C 384 -4.87 1.13 25.52
C TYR C 384 -5.83 0.11 26.14
N ILE C 385 -6.63 -0.57 25.32
CA ILE C 385 -7.62 -1.54 25.81
C ILE C 385 -6.86 -2.75 26.37
N THR C 386 -5.76 -3.09 25.72
CA THR C 386 -4.90 -4.18 26.15
C THR C 386 -4.37 -3.85 27.55
N GLY C 387 -4.06 -2.58 27.76
CA GLY C 387 -3.54 -2.15 29.04
C GLY C 387 -4.57 -2.18 30.15
N LEU C 388 -5.80 -1.79 29.83
CA LEU C 388 -6.86 -1.86 30.82
C LEU C 388 -7.14 -3.31 31.19
N CYS C 389 -6.99 -4.22 30.21
CA CYS C 389 -7.22 -5.65 30.42
C CYS C 389 -6.19 -6.19 31.39
N PHE C 390 -4.92 -5.98 31.10
CA PHE C 390 -3.84 -6.42 31.99
C PHE C 390 -4.06 -5.90 33.40
N ILE C 391 -4.57 -4.69 33.55
CA ILE C 391 -4.75 -4.11 34.89
C ILE C 391 -5.82 -4.79 35.69
N SER C 392 -6.97 -5.08 35.08
CA SER C 392 -8.03 -5.81 35.77
C SER C 392 -7.54 -7.20 36.16
N MET C 393 -6.82 -7.86 35.25
CA MET C 393 -6.40 -9.23 35.47
C MET C 393 -5.35 -9.29 36.58
N ALA C 394 -4.42 -8.34 36.56
CA ALA C 394 -3.40 -8.25 37.60
C ALA C 394 -4.02 -7.94 38.98
N ASN C 395 -4.94 -7.00 39.04
CA ASN C 395 -5.58 -6.63 40.30
C ASN C 395 -6.34 -7.80 40.93
N TYR C 396 -6.91 -8.65 40.07
CA TYR C 396 -7.66 -9.83 40.50
C TYR C 396 -6.76 -10.83 41.21
N LEU C 397 -5.49 -10.91 40.81
CA LEU C 397 -4.48 -11.72 41.50
C LEU C 397 -4.21 -11.29 42.94
N GLY C 398 -4.47 -10.03 43.25
CA GLY C 398 -4.38 -9.55 44.60
C GLY C 398 -5.28 -10.28 45.56
N SER C 399 -6.40 -10.80 45.05
CA SER C 399 -7.37 -11.55 45.87
C SER C 399 -6.90 -12.93 46.38
N PHE C 400 -5.76 -13.41 45.91
CA PHE C 400 -5.17 -14.66 46.40
C PHE C 400 -4.11 -14.39 47.49
N LEU C 401 -4.14 -13.18 48.06
CA LEU C 401 -3.27 -12.80 49.18
C LEU C 401 -4.09 -12.56 50.45
N SER C 402 -3.42 -12.64 51.60
CA SER C 402 -4.06 -12.30 52.87
C SER C 402 -3.20 -11.27 53.62
N PRO C 403 -3.71 -10.04 53.81
CA PRO C 403 -5.02 -9.62 53.29
C PRO C 403 -4.95 -9.42 51.77
N PRO C 404 -6.08 -9.52 51.09
CA PRO C 404 -6.13 -9.30 49.65
C PRO C 404 -5.90 -7.85 49.26
N LYS C 405 -5.03 -7.63 48.28
CA LYS C 405 -4.78 -6.31 47.74
C LYS C 405 -5.81 -5.99 46.69
N ILE C 406 -6.28 -4.75 46.68
CA ILE C 406 -7.13 -4.23 45.63
C ILE C 406 -6.26 -3.83 44.42
N HIS C 407 -5.01 -3.45 44.68
CA HIS C 407 -4.08 -3.00 43.64
C HIS C 407 -2.78 -3.82 43.61
N VAL C 408 -2.44 -4.36 42.45
CA VAL C 408 -1.21 -5.14 42.25
C VAL C 408 -0.32 -4.49 41.18
N SER C 409 0.84 -4.02 41.60
CA SER C 409 1.81 -3.38 40.68
C SER C 409 2.23 -4.30 39.52
N ALA C 410 2.81 -3.69 38.49
CA ALA C 410 3.31 -4.43 37.33
C ALA C 410 4.61 -5.18 37.64
N ARG C 411 5.27 -4.76 38.71
CA ARG C 411 6.49 -5.41 39.21
C ARG C 411 6.22 -6.58 40.16
N SER C 412 5.02 -6.66 40.73
CA SER C 412 4.65 -7.70 41.72
C SER C 412 5.02 -9.13 41.31
N LYS C 413 5.24 -9.99 42.30
CA LYS C 413 5.65 -11.39 42.06
C LYS C 413 4.49 -12.30 41.64
N LEU C 414 3.26 -11.82 41.81
CA LEU C 414 2.09 -12.54 41.34
C LEU C 414 2.06 -12.60 39.81
N ILE C 415 2.75 -11.67 39.18
CA ILE C 415 2.72 -11.51 37.74
C ILE C 415 3.90 -12.21 37.07
N GLU C 416 4.93 -12.52 37.85
CA GLU C 416 6.14 -13.13 37.31
C GLU C 416 5.97 -14.49 36.60
N PRO C 417 5.05 -15.35 37.05
CA PRO C 417 4.76 -16.58 36.30
C PRO C 417 4.07 -16.41 34.93
N PHE C 418 3.63 -15.20 34.58
CA PHE C 418 3.02 -14.91 33.26
C PHE C 418 3.95 -14.18 32.30
N PHE C 419 5.12 -13.77 32.77
CA PHE C 419 6.12 -13.10 31.92
C PHE C 419 6.71 -13.99 30.83
N ASN C 420 7.28 -13.34 29.83
CA ASN C 420 8.04 -14.02 28.77
C ASN C 420 7.51 -15.38 28.38
N LYS C 421 6.22 -15.46 28.05
CA LYS C 421 5.65 -16.68 27.48
C LYS C 421 5.47 -16.49 25.97
N LEU C 422 4.26 -16.66 25.43
CA LEU C 422 4.00 -16.75 24.00
C LEU C 422 5.04 -17.67 23.28
N PHE C 423 5.51 -18.69 24.01
CA PHE C 423 6.63 -19.55 23.60
C PHE C 423 6.68 -19.80 22.08
N MET D 1 -10.80 13.82 -15.39
CA MET D 1 -11.76 13.63 -14.29
C MET D 1 -11.22 12.60 -13.31
N GLU D 2 -11.40 12.87 -12.02
CA GLU D 2 -10.98 11.97 -10.95
C GLU D 2 -12.13 11.04 -10.60
N ILE D 3 -12.01 9.78 -11.00
CA ILE D 3 -13.10 8.84 -10.86
C ILE D 3 -12.74 7.76 -9.83
N ILE D 4 -13.54 7.73 -8.77
CA ILE D 4 -13.41 6.78 -7.68
C ILE D 4 -14.68 5.93 -7.54
N ARG D 5 -14.77 5.13 -6.50
CA ARG D 5 -15.88 4.18 -6.36
C ARG D 5 -17.23 4.87 -6.20
N SER D 6 -17.30 5.88 -5.33
CA SER D 6 -18.55 6.61 -5.06
C SER D 6 -19.08 7.33 -6.30
N ASN D 7 -18.17 7.57 -7.22
CA ASN D 7 -18.36 8.45 -8.34
C ASN D 7 -18.42 7.74 -9.70
N PHE D 8 -18.14 6.45 -9.72
CA PHE D 8 -17.97 5.69 -10.97
C PHE D 8 -19.26 5.51 -11.74
N LYS D 9 -20.33 5.15 -11.04
CA LYS D 9 -21.58 4.78 -11.68
C LYS D 9 -22.24 5.95 -12.36
N SER D 10 -22.14 7.13 -11.77
CA SER D 10 -22.77 8.30 -12.34
C SER D 10 -21.97 8.88 -13.50
N ASN D 11 -20.65 8.73 -13.48
CA ASN D 11 -19.80 9.25 -14.56
C ASN D 11 -19.64 8.28 -15.72
N LEU D 12 -20.18 7.07 -15.59
CA LEU D 12 -20.01 6.04 -16.60
C LEU D 12 -20.63 6.33 -17.96
N HIS D 13 -21.59 7.24 -18.05
CA HIS D 13 -22.16 7.63 -19.36
C HIS D 13 -21.27 8.63 -20.11
N LYS D 14 -20.62 9.55 -19.39
CA LYS D 14 -19.66 10.48 -19.99
C LYS D 14 -18.50 9.68 -20.58
N VAL D 15 -18.15 8.57 -19.93
CA VAL D 15 -17.03 7.73 -20.35
C VAL D 15 -17.38 6.97 -21.60
N TYR D 16 -18.57 6.35 -21.63
CA TYR D 16 -19.04 5.63 -22.80
C TYR D 16 -19.11 6.51 -24.03
N GLN D 17 -19.70 7.69 -23.88
CA GLN D 17 -19.82 8.64 -24.98
C GLN D 17 -18.46 9.10 -25.52
N ALA D 18 -17.53 9.36 -24.62
CA ALA D 18 -16.18 9.80 -24.98
C ALA D 18 -15.43 8.70 -25.73
N ILE D 19 -15.69 7.45 -25.35
CA ILE D 19 -15.11 6.28 -26.01
C ILE D 19 -15.76 6.08 -27.38
N GLU D 20 -17.05 6.36 -27.47
CA GLU D 20 -17.82 6.17 -28.70
C GLU D 20 -17.59 7.24 -29.77
N GLU D 21 -17.34 8.48 -29.35
CA GLU D 21 -17.12 9.59 -30.27
C GLU D 21 -15.64 9.76 -30.65
N ALA D 22 -14.74 8.92 -30.13
CA ALA D 22 -13.31 9.13 -30.32
C ALA D 22 -12.77 8.51 -31.61
N ASP D 23 -11.63 9.04 -32.05
CA ASP D 23 -10.83 8.47 -33.14
C ASP D 23 -9.78 7.48 -32.66
N PHE D 24 -9.21 7.78 -31.49
CA PHE D 24 -8.28 6.89 -30.78
C PHE D 24 -8.14 7.28 -29.29
N PHE D 25 -7.58 6.39 -28.48
CA PHE D 25 -7.37 6.69 -27.06
C PHE D 25 -5.90 6.56 -26.72
N ALA D 26 -5.51 7.20 -25.64
CA ALA D 26 -4.18 7.03 -25.10
C ALA D 26 -4.41 6.53 -23.69
N ILE D 27 -3.52 5.67 -23.22
CA ILE D 27 -3.60 5.17 -21.86
C ILE D 27 -2.26 5.20 -21.18
N ASP D 28 -2.34 5.08 -19.87
CA ASP D 28 -1.17 5.00 -19.01
C ASP D 28 -1.62 4.48 -17.64
N GLY D 29 -0.75 3.80 -16.93
CA GLY D 29 -1.08 3.28 -15.62
C GLY D 29 -0.06 3.64 -14.57
N GLU D 30 -0.50 3.73 -13.31
CA GLU D 30 0.43 3.78 -12.19
C GLU D 30 0.36 2.49 -11.41
N PHE D 31 1.52 1.98 -11.05
CA PHE D 31 1.64 0.69 -10.41
C PHE D 31 2.12 0.85 -8.99
N SER D 32 1.85 -0.15 -8.18
CA SER D 32 2.32 -0.21 -6.78
C SER D 32 3.82 -0.44 -6.71
N GLY D 33 4.42 -0.79 -7.85
CA GLY D 33 5.84 -1.01 -7.99
C GLY D 33 6.20 -1.56 -9.38
N ILE D 34 7.45 -1.93 -9.57
CA ILE D 34 7.88 -2.48 -10.85
C ILE D 34 9.00 -3.54 -10.76
N SER D 35 9.92 -3.32 -9.82
CA SER D 35 11.17 -4.08 -9.64
C SER D 35 11.05 -5.56 -9.34
N ASP D 36 10.70 -5.88 -8.09
CA ASP D 36 10.79 -7.22 -7.48
C ASP D 36 12.19 -7.62 -7.00
N GLY D 37 13.16 -7.63 -7.92
CA GLY D 37 14.50 -8.11 -7.62
C GLY D 37 15.56 -7.55 -8.57
N PRO D 38 15.49 -7.90 -9.86
CA PRO D 38 16.34 -7.26 -10.88
C PRO D 38 16.25 -5.72 -10.95
N SER D 39 17.10 -5.15 -11.80
CA SER D 39 17.50 -3.73 -11.71
C SER D 39 16.68 -2.68 -12.49
N VAL D 40 17.20 -2.30 -13.73
CA VAL D 40 17.33 -0.82 -14.08
C VAL D 40 18.54 -0.59 -15.05
N PRO D 50 17.54 -12.36 -26.54
CA PRO D 50 16.49 -12.84 -25.63
C PRO D 50 15.11 -12.31 -26.01
N GLU D 51 14.25 -13.19 -26.51
CA GLU D 51 12.87 -12.82 -26.86
C GLU D 51 11.92 -12.92 -25.65
N GLU D 52 12.26 -13.76 -24.67
CA GLU D 52 11.35 -14.06 -23.55
C GLU D 52 11.55 -13.15 -22.35
N ARG D 53 11.35 -11.85 -22.59
CA ARG D 53 11.24 -10.86 -21.54
C ARG D 53 9.90 -11.09 -20.83
N TYR D 54 8.94 -11.65 -21.56
CA TYR D 54 7.63 -11.97 -21.02
C TYR D 54 7.73 -12.83 -19.78
N GLN D 55 8.55 -13.86 -19.82
CA GLN D 55 8.69 -14.77 -18.67
C GLN D 55 9.36 -14.09 -17.47
N LYS D 56 10.29 -13.18 -17.73
CA LYS D 56 10.93 -12.44 -16.64
C LYS D 56 9.91 -11.53 -15.98
N LEU D 57 9.40 -10.58 -16.76
CA LEU D 57 8.40 -9.63 -16.33
C LEU D 57 7.21 -10.29 -15.63
N LYS D 58 6.82 -11.47 -16.08
CA LYS D 58 5.71 -12.20 -15.48
C LYS D 58 6.09 -12.69 -14.09
N LYS D 59 7.37 -12.99 -13.90
CA LYS D 59 7.86 -13.46 -12.62
C LYS D 59 8.20 -12.32 -11.65
N HIS D 60 8.68 -11.21 -12.20
CA HIS D 60 9.26 -10.16 -11.38
C HIS D 60 8.43 -8.87 -11.31
N SER D 61 7.40 -8.76 -12.13
CA SER D 61 6.66 -7.51 -12.19
C SER D 61 5.15 -7.67 -12.13
N MET D 62 4.62 -8.88 -12.21
CA MET D 62 3.17 -9.04 -12.29
C MET D 62 2.48 -9.23 -10.93
N ASP D 63 3.26 -9.25 -9.86
CA ASP D 63 2.66 -9.29 -8.54
C ASP D 63 2.31 -7.88 -8.09
N PHE D 64 2.85 -6.88 -8.77
CA PHE D 64 2.52 -5.50 -8.45
C PHE D 64 1.14 -5.18 -9.01
N LEU D 65 0.54 -4.13 -8.50
CA LEU D 65 -0.82 -3.79 -8.82
C LEU D 65 -0.87 -2.53 -9.66
N LEU D 66 -1.72 -2.52 -10.68
CA LEU D 66 -2.02 -1.29 -11.45
C LEU D 66 -3.27 -0.69 -10.83
N PHE D 67 -3.12 0.45 -10.13
CA PHE D 67 -4.22 1.02 -9.35
C PHE D 67 -4.70 2.40 -9.76
N GLN D 68 -4.10 2.96 -10.82
CA GLN D 68 -4.59 4.17 -11.46
C GLN D 68 -4.50 3.98 -12.99
N PHE D 69 -5.64 4.05 -13.65
CA PHE D 69 -5.71 3.88 -15.09
C PHE D 69 -6.07 5.24 -15.67
N GLY D 70 -5.14 5.84 -16.40
CA GLY D 70 -5.39 7.11 -17.06
C GLY D 70 -5.84 6.88 -18.47
N LEU D 71 -6.92 7.55 -18.87
CA LEU D 71 -7.47 7.39 -20.21
C LEU D 71 -7.66 8.77 -20.81
N CYS D 72 -7.10 8.96 -21.98
CA CYS D 72 -7.34 10.17 -22.72
C CYS D 72 -7.95 9.88 -24.09
N THR D 73 -9.02 10.60 -24.35
CA THR D 73 -9.88 10.41 -25.48
C THR D 73 -9.54 11.54 -26.45
N PHE D 74 -9.39 11.19 -27.73
CA PHE D 74 -9.05 12.16 -28.81
C PHE D 74 -10.06 12.07 -29.95
N LYS D 75 -10.77 13.16 -30.20
CA LYS D 75 -11.74 13.20 -31.30
C LYS D 75 -11.30 14.27 -32.29
N TYR D 76 -11.17 13.90 -33.55
CA TYR D 76 -10.78 14.87 -34.57
C TYR D 76 -11.98 15.72 -35.01
N ASP D 77 -11.77 17.03 -35.05
CA ASP D 77 -12.76 18.00 -35.49
C ASP D 77 -12.30 18.55 -36.85
N TYR D 78 -12.90 18.05 -37.92
CA TYR D 78 -12.47 18.40 -39.28
C TYR D 78 -12.79 19.86 -39.66
N THR D 79 -13.79 20.45 -39.02
CA THR D 79 -14.20 21.83 -39.29
C THR D 79 -13.34 22.85 -38.57
N ASP D 80 -12.18 22.42 -38.11
CA ASP D 80 -11.30 23.23 -37.25
C ASP D 80 -9.86 22.73 -37.29
N SER D 81 -9.67 21.50 -37.79
CA SER D 81 -8.40 20.81 -37.85
C SER D 81 -7.68 20.86 -36.50
N LYS D 82 -8.30 20.21 -35.53
CA LYS D 82 -7.77 20.13 -34.19
C LYS D 82 -8.40 18.94 -33.49
N TYR D 83 -7.65 18.31 -32.60
CA TYR D 83 -8.18 17.20 -31.79
C TYR D 83 -8.82 17.75 -30.53
N ILE D 84 -9.88 17.11 -30.07
CA ILE D 84 -10.52 17.49 -28.83
C ILE D 84 -10.35 16.34 -27.82
N THR D 85 -9.94 16.68 -26.60
CA THR D 85 -9.60 15.68 -25.61
C THR D 85 -10.51 15.66 -24.38
N LYS D 86 -10.60 14.47 -23.79
CA LYS D 86 -11.21 14.22 -22.49
C LYS D 86 -10.35 13.22 -21.73
N SER D 87 -9.79 13.64 -20.59
CA SER D 87 -8.98 12.80 -19.72
C SER D 87 -9.76 12.29 -18.50
N PHE D 88 -9.51 11.05 -18.15
CA PHE D 88 -10.10 10.40 -16.99
C PHE D 88 -9.01 9.68 -16.19
N ASN D 89 -9.09 9.75 -14.87
CA ASN D 89 -8.21 9.01 -13.99
C ASN D 89 -9.10 8.09 -13.24
N PHE D 90 -8.91 6.79 -13.36
CA PHE D 90 -9.70 5.83 -12.61
C PHE D 90 -8.83 5.23 -11.56
N TYR D 91 -9.24 5.33 -10.29
CA TYR D 91 -8.59 4.61 -9.20
C TYR D 91 -9.31 3.30 -9.02
N VAL D 92 -8.55 2.20 -9.03
CA VAL D 92 -9.12 0.88 -8.90
C VAL D 92 -8.40 0.10 -7.79
N PHE D 93 -9.12 -0.80 -7.15
CA PHE D 93 -8.57 -1.63 -6.10
C PHE D 93 -9.40 -2.89 -6.05
N PRO D 94 -8.76 -4.05 -5.93
CA PRO D 94 -9.50 -5.30 -5.93
C PRO D 94 -10.21 -5.53 -4.62
N LYS D 95 -11.40 -4.96 -4.46
CA LYS D 95 -12.20 -5.21 -3.27
C LYS D 95 -12.90 -6.55 -3.47
N PRO D 96 -12.65 -7.52 -2.59
CA PRO D 96 -13.28 -8.83 -2.74
C PRO D 96 -14.80 -8.74 -2.61
N PHE D 97 -15.49 -9.55 -3.40
CA PHE D 97 -16.94 -9.57 -3.45
C PHE D 97 -17.54 -10.14 -2.14
N ASN D 98 -16.74 -10.95 -1.47
CA ASN D 98 -17.09 -11.62 -0.20
C ASN D 98 -15.87 -12.42 0.31
N ARG D 99 -15.96 -12.94 1.54
CA ARG D 99 -14.90 -13.83 2.08
C ARG D 99 -15.03 -15.28 1.55
N SER D 100 -15.65 -15.43 0.37
CA SER D 100 -15.65 -16.66 -0.41
C SER D 100 -14.88 -16.52 -1.75
N SER D 101 -14.84 -15.31 -2.30
CA SER D 101 -14.10 -15.03 -3.54
C SER D 101 -12.61 -14.76 -3.22
N PRO D 102 -11.72 -14.72 -4.21
CA PRO D 102 -10.28 -14.54 -3.96
C PRO D 102 -9.87 -13.21 -3.26
N ASP D 103 -8.87 -13.35 -2.38
CA ASP D 103 -8.32 -12.27 -1.60
C ASP D 103 -6.94 -11.98 -2.19
N VAL D 104 -6.83 -10.86 -2.90
CA VAL D 104 -5.64 -10.60 -3.68
C VAL D 104 -4.53 -10.11 -2.78
N LYS D 105 -3.37 -10.76 -2.87
CA LYS D 105 -2.14 -10.24 -2.30
C LYS D 105 -1.39 -9.54 -3.43
N PHE D 106 -0.97 -8.32 -3.23
CA PHE D 106 -0.13 -7.67 -4.20
C PHE D 106 1.10 -7.11 -3.50
N VAL D 107 2.16 -6.89 -4.27
CA VAL D 107 3.40 -6.35 -3.76
C VAL D 107 3.43 -4.84 -4.03
N CYS D 108 3.95 -4.12 -3.05
CA CYS D 108 4.10 -2.67 -3.09
C CYS D 108 5.65 -2.48 -3.08
N GLN D 109 6.16 -1.54 -3.87
CA GLN D 109 7.59 -1.25 -3.89
C GLN D 109 7.83 0.10 -3.22
N SER D 110 8.68 0.13 -2.21
CA SER D 110 8.89 1.33 -1.39
C SER D 110 9.29 2.56 -2.19
N SER D 111 10.27 2.40 -3.06
CA SER D 111 10.78 3.50 -3.85
C SER D 111 9.71 4.03 -4.82
N SER D 112 8.81 3.14 -5.25
CA SER D 112 7.77 3.49 -6.19
C SER D 112 6.67 4.24 -5.50
N ILE D 113 6.39 3.85 -4.26
CA ILE D 113 5.36 4.50 -3.45
C ILE D 113 5.85 5.89 -3.11
N ASP D 114 7.13 5.98 -2.77
CA ASP D 114 7.79 7.24 -2.45
C ASP D 114 7.83 8.22 -3.61
N PHE D 115 8.09 7.69 -4.80
CA PHE D 115 8.04 8.46 -6.00
C PHE D 115 6.64 9.03 -6.21
N LEU D 116 5.62 8.18 -6.09
CA LEU D 116 4.25 8.59 -6.37
C LEU D 116 3.81 9.62 -5.34
N ALA D 117 4.27 9.47 -4.09
CA ALA D 117 3.98 10.44 -3.06
C ALA D 117 4.52 11.83 -3.39
N SER D 118 5.73 11.89 -3.95
CA SER D 118 6.36 13.16 -4.30
C SER D 118 5.69 13.86 -5.50
N GLN D 119 4.85 13.13 -6.23
CA GLN D 119 4.04 13.69 -7.32
C GLN D 119 2.61 14.07 -6.85
N GLY D 120 2.37 14.08 -5.55
CA GLY D 120 1.06 14.43 -5.00
C GLY D 120 -0.06 13.40 -5.04
N PHE D 121 0.31 12.14 -5.22
CA PHE D 121 -0.64 11.04 -5.32
C PHE D 121 -1.41 10.88 -4.01
N ASP D 122 -2.74 10.74 -4.11
CA ASP D 122 -3.59 10.55 -2.96
C ASP D 122 -3.92 9.05 -2.83
N PHE D 123 -3.23 8.37 -1.91
CA PHE D 123 -3.42 6.94 -1.72
C PHE D 123 -4.80 6.51 -1.19
N ASN D 124 -5.52 7.42 -0.54
CA ASN D 124 -6.89 7.15 -0.13
C ASN D 124 -7.83 6.98 -1.31
N LYS D 125 -7.49 7.59 -2.44
CA LYS D 125 -8.27 7.37 -3.66
C LYS D 125 -8.21 5.91 -4.11
N VAL D 126 -7.11 5.23 -3.78
CA VAL D 126 -6.98 3.81 -4.09
C VAL D 126 -7.39 2.90 -2.97
N PHE D 127 -6.77 3.02 -1.80
CA PHE D 127 -6.98 2.07 -0.69
C PHE D 127 -8.26 2.28 0.12
N ARG D 128 -8.95 3.42 -0.08
CA ARG D 128 -10.28 3.64 0.50
C ARG D 128 -11.36 3.78 -0.56
N ASN D 129 -11.06 4.43 -1.68
CA ASN D 129 -12.07 4.73 -2.68
C ASN D 129 -11.86 4.04 -4.01
N GLY D 130 -11.08 2.97 -4.04
CA GLY D 130 -10.85 2.25 -5.28
C GLY D 130 -12.12 1.69 -5.90
N ILE D 131 -12.21 1.76 -7.23
CA ILE D 131 -13.26 1.08 -7.98
C ILE D 131 -12.94 -0.43 -8.03
N PRO D 132 -13.91 -1.27 -7.71
CA PRO D 132 -13.70 -2.71 -7.79
C PRO D 132 -13.75 -3.20 -9.22
N TYR D 133 -13.29 -4.42 -9.42
CA TYR D 133 -13.29 -5.02 -10.72
C TYR D 133 -13.22 -6.55 -10.66
N LEU D 134 -13.72 -7.18 -11.74
CA LEU D 134 -13.68 -8.62 -11.91
C LEU D 134 -13.23 -8.95 -13.31
N ASN D 135 -12.31 -9.92 -13.42
CA ASN D 135 -11.88 -10.42 -14.72
C ASN D 135 -12.92 -11.35 -15.35
N GLN D 136 -12.62 -11.79 -16.56
CA GLN D 136 -13.48 -12.71 -17.32
C GLN D 136 -14.03 -13.85 -16.47
N GLU D 137 -13.14 -14.66 -15.92
CA GLU D 137 -13.53 -15.86 -15.16
C GLU D 137 -14.46 -15.57 -13.99
N GLU D 138 -14.09 -14.62 -13.16
CA GLU D 138 -14.88 -14.27 -11.98
C GLU D 138 -16.27 -13.74 -12.35
N GLU D 139 -16.39 -13.05 -13.49
CA GLU D 139 -17.68 -12.53 -13.93
C GLU D 139 -18.62 -13.66 -14.37
N ARG D 140 -18.08 -14.64 -15.10
CA ARG D 140 -18.87 -15.76 -15.61
C ARG D 140 -19.19 -16.77 -14.51
N GLN D 141 -18.17 -17.15 -13.75
CA GLN D 141 -18.30 -18.08 -12.64
C GLN D 141 -19.29 -17.62 -11.57
N LEU D 142 -19.46 -16.32 -11.43
CA LEU D 142 -20.38 -15.75 -10.44
C LEU D 142 -21.78 -15.65 -11.05
N ARG D 143 -22.43 -16.79 -11.27
CA ARG D 143 -23.80 -16.83 -11.79
C ARG D 143 -24.54 -18.08 -11.26
N GLN D 261 -28.65 -8.34 -7.81
CA GLN D 261 -28.35 -8.43 -9.23
C GLN D 261 -27.52 -7.23 -9.67
N GLU D 262 -27.97 -6.03 -9.31
CA GLU D 262 -27.22 -4.80 -9.56
C GLU D 262 -25.97 -4.80 -8.68
N GLU D 263 -26.05 -5.47 -7.53
CA GLU D 263 -24.91 -5.64 -6.62
C GLU D 263 -23.74 -6.38 -7.29
N LEU D 264 -24.05 -7.24 -8.26
CA LEU D 264 -23.06 -8.02 -9.01
C LEU D 264 -22.51 -7.24 -10.21
N ASN D 265 -23.33 -6.39 -10.80
CA ASN D 265 -22.89 -5.57 -11.93
C ASN D 265 -22.12 -4.33 -11.44
N ASP D 266 -22.04 -4.15 -10.12
CA ASP D 266 -21.15 -3.18 -9.49
C ASP D 266 -19.85 -3.83 -9.07
N ALA D 267 -19.83 -5.15 -8.99
CA ALA D 267 -18.62 -5.91 -8.69
C ALA D 267 -17.66 -5.90 -9.88
N VAL D 268 -18.20 -6.15 -11.07
CA VAL D 268 -17.44 -6.05 -12.32
C VAL D 268 -16.75 -4.69 -12.43
N GLY D 269 -17.45 -3.64 -11.99
CA GLY D 269 -16.88 -2.31 -11.85
C GLY D 269 -16.07 -1.79 -13.02
N PHE D 270 -14.79 -1.53 -12.81
CA PHE D 270 -13.98 -0.85 -13.82
C PHE D 270 -13.78 -1.65 -15.11
N SER D 271 -13.94 -2.96 -15.04
CA SER D 271 -13.79 -3.81 -16.22
C SER D 271 -14.78 -3.45 -17.33
N ARG D 272 -15.93 -2.89 -16.95
CA ARG D 272 -16.87 -2.34 -17.95
C ARG D 272 -16.16 -1.39 -18.91
N VAL D 273 -15.32 -0.50 -18.39
CA VAL D 273 -14.57 0.44 -19.21
C VAL D 273 -13.61 -0.28 -20.17
N ILE D 274 -12.87 -1.26 -19.65
CA ILE D 274 -11.96 -2.05 -20.48
C ILE D 274 -12.70 -2.76 -21.62
N HIS D 275 -13.89 -3.28 -21.32
CA HIS D 275 -14.69 -3.98 -22.31
C HIS D 275 -15.18 -3.02 -23.38
N ALA D 276 -15.49 -1.78 -22.99
CA ALA D 276 -15.98 -0.77 -23.94
C ALA D 276 -14.87 -0.30 -24.88
N ILE D 277 -13.67 -0.21 -24.35
CA ILE D 277 -12.52 0.19 -25.14
C ILE D 277 -12.26 -0.89 -26.17
N ALA D 278 -12.43 -2.13 -25.73
CA ALA D 278 -12.17 -3.31 -26.55
C ALA D 278 -13.20 -3.47 -27.66
N ASN D 279 -14.47 -3.25 -27.32
CA ASN D 279 -15.55 -3.40 -28.29
C ASN D 279 -15.62 -2.23 -29.28
N SER D 280 -14.89 -1.15 -29.03
CA SER D 280 -14.91 0.00 -29.92
C SER D 280 -14.11 -0.24 -31.19
N GLY D 281 -13.14 -1.14 -31.11
CA GLY D 281 -12.22 -1.40 -32.21
C GLY D 281 -11.11 -0.36 -32.42
N LYS D 282 -11.30 0.82 -31.85
CA LYS D 282 -10.42 1.95 -32.08
C LYS D 282 -9.01 1.80 -31.48
N LEU D 283 -8.07 2.50 -32.08
CA LEU D 283 -6.65 2.45 -31.71
C LEU D 283 -6.37 2.89 -30.28
N VAL D 284 -5.55 2.11 -29.57
CA VAL D 284 -5.18 2.41 -28.19
C VAL D 284 -3.67 2.65 -28.15
N ILE D 285 -3.29 3.87 -27.80
CA ILE D 285 -1.91 4.31 -27.77
C ILE D 285 -1.38 4.23 -26.35
N GLY D 286 -0.12 3.85 -26.22
CA GLY D 286 0.56 3.93 -24.94
C GLY D 286 2.02 4.22 -25.22
N HIS D 287 2.77 4.57 -24.17
CA HIS D 287 4.19 4.79 -24.33
C HIS D 287 4.98 3.81 -23.50
N ASN D 288 5.80 3.00 -24.16
CA ASN D 288 6.53 1.95 -23.48
C ASN D 288 5.55 1.08 -22.68
N MET D 289 4.51 0.58 -23.37
CA MET D 289 3.30 0.04 -22.76
C MET D 289 3.24 -1.46 -22.42
N LEU D 290 4.35 -2.18 -22.49
CA LEU D 290 4.29 -3.63 -22.24
C LEU D 290 3.70 -3.95 -20.86
N LEU D 291 4.27 -3.34 -19.84
CA LEU D 291 3.79 -3.51 -18.47
C LEU D 291 2.35 -3.03 -18.30
N ASP D 292 1.98 -1.93 -18.96
CA ASP D 292 0.61 -1.40 -18.86
C ASP D 292 -0.40 -2.43 -19.35
N VAL D 293 -0.08 -3.00 -20.51
CA VAL D 293 -0.96 -3.93 -21.20
C VAL D 293 -1.02 -5.26 -20.44
N MET D 294 0.11 -5.70 -19.90
CA MET D 294 0.13 -6.93 -19.10
C MET D 294 -0.74 -6.79 -17.84
N HIS D 295 -0.51 -5.73 -17.06
CA HIS D 295 -1.33 -5.49 -15.90
C HIS D 295 -2.80 -5.40 -16.28
N THR D 296 -3.10 -4.79 -17.41
CA THR D 296 -4.49 -4.59 -17.80
C THR D 296 -5.13 -5.92 -18.11
N VAL D 297 -4.45 -6.73 -18.90
CA VAL D 297 -5.00 -8.03 -19.24
C VAL D 297 -5.11 -8.83 -17.95
N HIS D 298 -4.04 -8.93 -17.19
CA HIS D 298 -4.02 -9.68 -15.95
C HIS D 298 -5.20 -9.35 -15.03
N GLN D 299 -5.33 -8.08 -14.69
CA GLN D 299 -6.33 -7.65 -13.72
C GLN D 299 -7.77 -7.61 -14.23
N PHE D 300 -7.99 -7.30 -15.50
CA PHE D 300 -9.35 -7.01 -15.98
C PHE D 300 -9.92 -7.99 -17.02
N TYR D 301 -9.07 -8.84 -17.55
CA TYR D 301 -9.52 -9.82 -18.54
C TYR D 301 -9.32 -11.24 -18.03
N CYS D 302 -8.10 -11.59 -17.67
CA CYS D 302 -7.79 -12.95 -17.29
C CYS D 302 -6.33 -13.04 -16.93
N PRO D 303 -5.96 -13.87 -15.95
CA PRO D 303 -4.55 -13.94 -15.54
C PRO D 303 -3.65 -14.36 -16.67
N LEU D 304 -2.38 -13.96 -16.57
CA LEU D 304 -1.42 -14.18 -17.63
C LEU D 304 -1.15 -15.67 -17.89
N PRO D 305 -1.16 -16.07 -19.16
CA PRO D 305 -0.91 -17.45 -19.54
C PRO D 305 0.57 -17.81 -19.63
N ALA D 306 0.81 -19.08 -19.93
CA ALA D 306 2.16 -19.65 -20.02
C ALA D 306 2.92 -19.15 -21.24
N ASP D 307 2.35 -19.32 -22.44
CA ASP D 307 3.01 -18.95 -23.69
C ASP D 307 2.80 -17.47 -24.01
N LEU D 308 3.81 -16.84 -24.58
CA LEU D 308 3.68 -15.48 -25.03
C LEU D 308 2.68 -15.39 -26.19
N SER D 309 2.54 -16.48 -26.93
CA SER D 309 1.64 -16.51 -28.08
C SER D 309 0.19 -16.29 -27.65
N GLU D 310 -0.22 -16.98 -26.60
CA GLU D 310 -1.58 -16.86 -26.09
C GLU D 310 -1.80 -15.55 -25.32
N PHE D 311 -0.73 -14.95 -24.81
CA PHE D 311 -0.82 -13.60 -24.28
C PHE D 311 -1.20 -12.63 -25.39
N LYS D 312 -0.60 -12.81 -26.58
CA LYS D 312 -0.92 -12.02 -27.76
C LYS D 312 -2.38 -12.18 -28.19
N GLU D 313 -2.93 -13.38 -28.02
CA GLU D 313 -4.32 -13.66 -28.35
C GLU D 313 -5.25 -12.90 -27.42
N MET D 314 -4.93 -12.94 -26.13
CA MET D 314 -5.67 -12.18 -25.14
C MET D 314 -5.60 -10.68 -25.42
N THR D 315 -4.38 -10.18 -25.60
CA THR D 315 -4.14 -8.80 -25.99
C THR D 315 -5.03 -8.36 -27.15
N THR D 316 -5.22 -9.22 -28.14
CA THR D 316 -6.08 -8.94 -29.29
C THR D 316 -7.57 -8.81 -28.92
N CYS D 317 -7.98 -9.38 -27.79
CA CYS D 317 -9.36 -9.25 -27.31
C CYS D 317 -9.58 -7.98 -26.50
N VAL D 318 -8.56 -7.54 -25.77
CA VAL D 318 -8.65 -6.32 -24.96
C VAL D 318 -8.32 -5.07 -25.80
N PHE D 319 -7.33 -5.20 -26.67
CA PHE D 319 -6.85 -4.10 -27.49
C PHE D 319 -6.63 -4.57 -28.95
N PRO D 320 -7.67 -4.53 -29.79
CA PRO D 320 -7.51 -4.96 -31.20
C PRO D 320 -6.39 -4.22 -31.93
N ARG D 321 -6.40 -2.89 -31.83
CA ARG D 321 -5.34 -2.04 -32.36
C ARG D 321 -4.53 -1.42 -31.21
N LEU D 322 -3.23 -1.64 -31.24
CA LEU D 322 -2.30 -1.09 -30.26
C LEU D 322 -1.21 -0.30 -30.97
N LEU D 323 -0.63 0.67 -30.27
CA LEU D 323 0.52 1.42 -30.75
C LEU D 323 1.32 1.99 -29.59
N ASP D 324 2.63 1.80 -29.65
CA ASP D 324 3.54 2.20 -28.61
C ASP D 324 4.42 3.32 -29.13
N THR D 325 4.20 4.54 -28.66
CA THR D 325 4.98 5.72 -29.10
C THR D 325 6.51 5.63 -28.92
N LYS D 326 6.96 4.85 -27.96
CA LYS D 326 8.39 4.66 -27.78
C LYS D 326 8.96 3.77 -28.88
N LEU D 327 8.25 2.70 -29.19
CA LEU D 327 8.64 1.88 -30.33
C LEU D 327 8.57 2.66 -31.63
N MET D 328 7.52 3.44 -31.81
CA MET D 328 7.37 4.27 -33.01
C MET D 328 8.55 5.26 -33.17
N ALA D 329 8.97 5.88 -32.08
CA ALA D 329 10.06 6.84 -32.07
C ALA D 329 11.41 6.17 -32.23
N SER D 330 11.48 4.87 -32.03
CA SER D 330 12.70 4.09 -32.19
C SER D 330 12.81 3.41 -33.57
N THR D 331 11.83 3.66 -34.44
CA THR D 331 11.73 3.08 -35.78
C THR D 331 11.87 4.19 -36.82
N GLN D 332 12.64 3.94 -37.87
CA GLN D 332 12.74 4.92 -38.95
C GLN D 332 11.36 5.23 -39.50
N PRO D 333 11.14 6.46 -39.97
CA PRO D 333 12.17 7.50 -40.08
C PRO D 333 12.43 8.31 -38.80
N PHE D 334 11.73 8.00 -37.73
CA PHE D 334 11.90 8.70 -36.45
C PHE D 334 13.25 8.42 -35.78
N LYS D 335 13.80 7.24 -36.01
CA LYS D 335 15.06 6.84 -35.38
C LYS D 335 16.20 7.77 -35.76
N ASP D 336 16.25 8.22 -37.01
CA ASP D 336 17.32 9.12 -37.47
C ASP D 336 17.23 10.51 -36.82
N ILE D 337 16.04 10.88 -36.35
CA ILE D 337 15.81 12.21 -35.80
C ILE D 337 15.72 12.21 -34.29
N ILE D 338 15.00 11.25 -33.72
CA ILE D 338 14.73 11.27 -32.29
C ILE D 338 15.87 10.59 -31.54
N ASN D 339 16.44 11.39 -30.65
CA ASN D 339 17.62 11.04 -29.87
C ASN D 339 17.25 10.41 -28.52
N ASN D 340 16.22 10.97 -27.86
CA ASN D 340 15.79 10.49 -26.56
C ASN D 340 14.31 10.12 -26.59
N THR D 341 14.00 8.86 -26.30
CA THR D 341 12.63 8.35 -26.40
C THR D 341 11.88 8.24 -25.07
N SER D 342 12.45 8.75 -23.99
CA SER D 342 11.69 8.92 -22.75
C SER D 342 10.55 9.89 -23.02
N LEU D 343 9.44 9.78 -22.27
CA LEU D 343 8.22 10.49 -22.64
C LEU D 343 8.35 12.01 -22.62
N ALA D 344 9.02 12.51 -21.60
CA ALA D 344 9.20 13.95 -21.43
C ALA D 344 10.12 14.53 -22.51
N GLU D 345 11.19 13.81 -22.81
CA GLU D 345 12.12 14.21 -23.85
C GLU D 345 11.50 14.14 -25.23
N LEU D 346 10.74 13.07 -25.48
CA LEU D 346 10.07 12.86 -26.74
C LEU D 346 9.08 13.96 -27.06
N GLU D 347 8.27 14.36 -26.10
CA GLU D 347 7.23 15.35 -26.41
C GLU D 347 7.82 16.73 -26.57
N LYS D 348 9.01 16.93 -26.01
CA LYS D 348 9.78 18.18 -26.12
C LYS D 348 10.43 18.32 -27.49
N ARG D 349 10.97 17.20 -27.99
CA ARG D 349 11.56 17.17 -29.32
C ARG D 349 10.49 17.31 -30.41
N LEU D 350 9.30 16.77 -30.15
CA LEU D 350 8.20 16.79 -31.13
C LEU D 350 7.52 18.16 -31.26
N LYS D 351 7.96 19.10 -30.45
CA LYS D 351 7.58 20.49 -30.58
C LYS D 351 8.42 21.24 -31.62
N GLU D 352 9.65 20.79 -31.86
CA GLU D 352 10.59 21.42 -32.80
C GLU D 352 10.71 20.68 -34.14
N THR D 353 11.17 21.41 -35.17
CA THR D 353 11.20 20.87 -36.54
C THR D 353 12.04 19.60 -36.58
N PRO D 354 11.73 18.67 -37.48
CA PRO D 354 10.77 18.85 -38.57
C PRO D 354 9.33 18.56 -38.17
N PHE D 355 9.11 18.36 -36.88
CA PHE D 355 7.78 18.13 -36.36
C PHE D 355 7.10 19.45 -36.10
N ASN D 356 5.78 19.40 -35.94
CA ASN D 356 4.99 20.59 -35.61
C ASN D 356 4.00 20.21 -34.52
N PRO D 357 3.91 21.00 -33.46
CA PRO D 357 2.99 20.66 -32.36
C PRO D 357 1.54 20.61 -32.89
N PRO D 358 0.78 19.62 -32.44
CA PRO D 358 -0.60 19.46 -32.90
C PRO D 358 -1.53 20.45 -32.22
N LYS D 359 -2.52 20.90 -32.95
CA LYS D 359 -3.51 21.82 -32.42
C LYS D 359 -4.47 20.95 -31.66
N VAL D 360 -4.61 21.21 -30.37
CA VAL D 360 -5.38 20.35 -29.50
C VAL D 360 -6.11 21.21 -28.49
N GLU D 361 -7.30 20.78 -28.12
CA GLU D 361 -8.14 21.52 -27.21
C GLU D 361 -8.86 20.53 -26.30
N SER D 362 -9.22 20.98 -25.11
CA SER D 362 -10.03 20.18 -24.19
C SER D 362 -11.51 20.37 -24.48
N ALA D 363 -12.32 19.34 -24.18
CA ALA D 363 -13.74 19.35 -24.52
C ALA D 363 -14.49 20.36 -23.67
N GLU D 364 -15.54 20.96 -24.24
CA GLU D 364 -16.36 21.91 -23.49
C GLU D 364 -16.77 21.30 -22.15
N GLY D 365 -16.33 21.95 -21.07
CA GLY D 365 -16.73 21.58 -19.72
C GLY D 365 -15.91 20.49 -19.06
N PHE D 366 -14.82 20.09 -19.71
CA PHE D 366 -13.93 19.08 -19.12
C PHE D 366 -12.67 19.77 -18.61
N PRO D 367 -12.08 19.24 -17.56
CA PRO D 367 -10.76 19.69 -17.10
C PRO D 367 -9.68 19.48 -18.19
N SER D 368 -8.61 20.25 -18.10
CA SER D 368 -7.52 20.15 -19.06
C SER D 368 -6.17 20.50 -18.46
N TYR D 369 -5.11 20.22 -19.20
CA TYR D 369 -3.75 20.52 -18.77
C TYR D 369 -3.19 21.70 -19.55
N GLN D 375 4.02 20.35 -14.67
CA GLN D 375 2.92 19.57 -14.10
C GLN D 375 3.38 18.18 -13.62
N LEU D 376 2.93 17.80 -12.42
CA LEU D 376 3.30 16.52 -11.78
C LEU D 376 2.88 15.28 -12.59
N HIS D 377 3.87 14.42 -12.83
CA HIS D 377 3.71 13.10 -13.43
C HIS D 377 2.50 12.37 -12.84
N GLU D 378 1.62 11.87 -13.71
CA GLU D 378 0.36 11.31 -13.28
C GLU D 378 -0.37 10.66 -14.49
N ALA D 379 -0.93 9.48 -14.29
CA ALA D 379 -1.49 8.68 -15.40
C ALA D 379 -2.20 9.48 -16.53
N GLY D 380 -3.24 10.20 -16.17
CA GLY D 380 -4.02 10.97 -17.13
C GLY D 380 -3.22 12.00 -17.88
N TYR D 381 -2.29 12.66 -17.18
CA TYR D 381 -1.37 13.60 -17.81
C TYR D 381 -0.44 12.91 -18.82
N ASP D 382 0.18 11.80 -18.44
CA ASP D 382 1.08 11.07 -19.36
C ASP D 382 0.34 10.49 -20.54
N ALA D 383 -0.91 10.09 -20.34
CA ALA D 383 -1.73 9.56 -21.42
C ALA D 383 -1.99 10.71 -22.41
N TYR D 384 -2.25 11.89 -21.87
CA TYR D 384 -2.47 13.06 -22.69
C TYR D 384 -1.19 13.35 -23.50
N ILE D 385 -0.06 13.39 -22.83
CA ILE D 385 1.21 13.69 -23.51
C ILE D 385 1.56 12.61 -24.54
N THR D 386 1.13 11.37 -24.27
CA THR D 386 1.38 10.25 -25.14
C THR D 386 0.59 10.40 -26.45
N GLY D 387 -0.61 10.95 -26.32
CA GLY D 387 -1.46 11.17 -27.46
C GLY D 387 -0.88 12.26 -28.31
N LEU D 388 -0.49 13.36 -27.69
CA LEU D 388 0.14 14.46 -28.41
C LEU D 388 1.39 14.03 -29.18
N CYS D 389 2.14 13.08 -28.64
CA CYS D 389 3.33 12.59 -29.31
C CYS D 389 2.95 11.80 -30.57
N PHE D 390 2.04 10.84 -30.43
CA PHE D 390 1.51 10.12 -31.58
C PHE D 390 1.08 11.11 -32.68
N ILE D 391 0.29 12.11 -32.31
CA ILE D 391 -0.25 13.01 -33.30
C ILE D 391 0.87 13.75 -34.05
N SER D 392 1.94 14.16 -33.38
CA SER D 392 3.04 14.81 -34.07
C SER D 392 3.83 13.84 -34.95
N MET D 393 3.95 12.59 -34.51
CA MET D 393 4.63 11.61 -35.34
C MET D 393 3.77 11.17 -36.55
N ALA D 394 2.49 10.93 -36.33
CA ALA D 394 1.59 10.53 -37.42
C ALA D 394 1.63 11.57 -38.54
N ASN D 395 1.54 12.85 -38.16
CA ASN D 395 1.52 13.95 -39.11
C ASN D 395 2.83 14.10 -39.85
N TYR D 396 3.95 13.93 -39.16
CA TYR D 396 5.24 13.95 -39.83
C TYR D 396 5.32 12.91 -40.96
N LEU D 397 4.66 11.76 -40.79
CA LEU D 397 4.60 10.77 -41.84
C LEU D 397 3.88 11.30 -43.10
N GLY D 398 2.97 12.25 -42.90
CA GLY D 398 2.26 12.90 -43.99
C GLY D 398 3.17 13.61 -44.97
N SER D 399 4.37 13.93 -44.52
CA SER D 399 5.35 14.60 -45.36
C SER D 399 6.02 13.71 -46.41
N PHE D 400 5.72 12.41 -46.40
CA PHE D 400 6.25 11.46 -47.38
C PHE D 400 5.23 11.17 -48.50
N LEU D 401 4.23 12.03 -48.61
CA LEU D 401 3.24 11.92 -49.69
C LEU D 401 3.44 13.09 -50.63
N SER D 402 2.97 12.93 -51.87
CA SER D 402 3.01 14.01 -52.85
C SER D 402 1.60 14.21 -53.45
N PRO D 403 0.93 15.32 -53.13
CA PRO D 403 1.46 16.35 -52.23
C PRO D 403 1.44 15.93 -50.76
N PRO D 404 2.22 16.62 -49.93
CA PRO D 404 2.33 16.28 -48.50
C PRO D 404 1.04 16.60 -47.76
N LYS D 405 0.70 15.78 -46.77
CA LYS D 405 -0.45 16.03 -45.93
C LYS D 405 0.04 16.50 -44.57
N ILE D 406 -0.66 17.49 -44.02
CA ILE D 406 -0.33 18.08 -42.73
C ILE D 406 -1.10 17.37 -41.60
N HIS D 407 -2.13 16.61 -41.96
CA HIS D 407 -2.89 15.80 -41.01
C HIS D 407 -3.06 14.37 -41.50
N VAL D 408 -2.64 13.43 -40.66
CA VAL D 408 -2.72 12.02 -40.97
C VAL D 408 -3.63 11.42 -39.94
N SER D 409 -4.60 10.64 -40.41
CA SER D 409 -5.60 10.02 -39.56
C SER D 409 -4.98 8.85 -38.79
N ALA D 410 -5.65 8.43 -37.72
CA ALA D 410 -5.23 7.27 -36.94
C ALA D 410 -5.53 5.95 -37.67
N ARG D 411 -6.30 6.05 -38.76
CA ARG D 411 -6.67 4.92 -39.60
C ARG D 411 -5.82 4.80 -40.87
N SER D 412 -5.01 5.82 -41.16
CA SER D 412 -4.16 5.81 -42.35
C SER D 412 -3.23 4.61 -42.42
N LYS D 413 -2.94 4.17 -43.65
CA LYS D 413 -2.06 3.05 -43.92
C LYS D 413 -0.61 3.41 -43.62
N LEU D 414 -0.33 4.70 -43.52
CA LEU D 414 0.98 5.18 -43.12
C LEU D 414 1.36 4.69 -41.72
N ILE D 415 0.36 4.46 -40.88
CA ILE D 415 0.58 4.05 -39.49
C ILE D 415 0.51 2.53 -39.30
N GLU D 416 -0.10 1.82 -40.26
CA GLU D 416 -0.27 0.36 -40.17
C GLU D 416 1.01 -0.40 -39.81
N PRO D 417 2.14 -0.07 -40.42
CA PRO D 417 3.41 -0.70 -40.04
C PRO D 417 3.84 -0.54 -38.58
N PHE D 418 3.20 0.35 -37.81
CA PHE D 418 3.54 0.52 -36.38
C PHE D 418 2.56 -0.15 -35.42
N PHE D 419 1.45 -0.66 -35.93
CA PHE D 419 0.44 -1.28 -35.09
C PHE D 419 0.93 -2.56 -34.44
N ASN D 420 0.29 -2.87 -33.30
CA ASN D 420 0.47 -4.09 -32.55
C ASN D 420 1.91 -4.58 -32.40
N LYS D 421 2.79 -3.65 -32.02
CA LYS D 421 4.20 -3.98 -31.73
C LYS D 421 4.58 -3.28 -30.43
N LEU D 422 5.16 -4.00 -29.48
CA LEU D 422 5.55 -3.33 -28.25
C LEU D 422 6.79 -3.88 -27.57
N PHE D 423 7.67 -4.53 -28.33
CA PHE D 423 8.89 -5.13 -27.75
C PHE D 423 10.16 -4.37 -28.13
#